data_3IPU
#
_entry.id   3IPU
#
_cell.length_a   125.178
_cell.length_b   125.178
_cell.length_c   92.957
_cell.angle_alpha   90.00
_cell.angle_beta   90.00
_cell.angle_gamma   90.00
#
_symmetry.space_group_name_H-M   'P 4 21 2'
#
loop_
_entity.id
_entity.type
_entity.pdbx_description
1 polymer 'Oxysterols receptor LXR-alpha'
2 polymer 'Nuclear receptor coactivator 1'
3 non-polymer '4-{[methyl(3-{[7-propyl-3-(trifluoromethyl)-1,2-benzisoxazol-6-yl]oxy}propyl)carbamoyl]amino}benzoic acid'
4 non-polymer 'SULFATE ION'
5 water water
#
loop_
_entity_poly.entity_id
_entity_poly.type
_entity_poly.pdbx_seq_one_letter_code
_entity_poly.pdbx_strand_id
1 'polypeptide(L)'
;MKHQHQHQHQHQHQQPLQEEEQAHATSLPPRASSPPQILPQLSPEQLGMIEKLVAAQQQCNRRSFSDRLRVTPWPMAPDP
HSREARQQRFAHFTELAIVSVQEIVDFAKQLPGFLQLSREDQIALLKTSAIEVMLLETSRRYNPGSESITFLKDFSYNRE
DFAKAGLQVEFINPIFEFSRAMNELQLNDAEFALLIAISIFSADRPNVQDQLQVERLQHTYVEALHAYVSIHHPHDRLMF
PRMLMKLVSLRTLSSVHSEQVFALRLQDKKLPPLLSEIWDVHE
;
A,B
2 'polypeptide(L)' CPSSHSSLTERHKILHRLLQEGSPS C,D
#
# COMPACT_ATOMS: atom_id res chain seq x y z
N PRO A 40 -17.37 -19.51 -4.56
CA PRO A 40 -16.51 -19.11 -5.68
C PRO A 40 -16.20 -20.28 -6.63
N GLN A 41 -16.86 -20.26 -7.79
CA GLN A 41 -16.89 -21.41 -8.69
C GLN A 41 -15.86 -21.24 -9.82
N LEU A 42 -14.73 -21.95 -9.74
CA LEU A 42 -13.73 -21.85 -10.80
C LEU A 42 -14.29 -22.32 -12.15
N SER A 43 -14.35 -21.40 -13.09
CA SER A 43 -14.89 -21.65 -14.43
C SER A 43 -13.81 -22.13 -15.40
N PRO A 44 -14.21 -22.74 -16.53
CA PRO A 44 -13.26 -23.10 -17.56
C PRO A 44 -12.41 -21.94 -18.05
N GLU A 45 -13.02 -20.77 -18.16
CA GLU A 45 -12.37 -19.60 -18.73
C GLU A 45 -11.25 -19.15 -17.79
N GLN A 46 -11.56 -19.10 -16.50
CA GLN A 46 -10.59 -18.79 -15.47
C GLN A 46 -9.46 -19.81 -15.41
N LEU A 47 -9.83 -21.10 -15.42
CA LEU A 47 -8.86 -22.23 -15.37
C LEU A 47 -7.85 -22.17 -16.49
N GLY A 48 -8.33 -22.06 -17.72
CA GLY A 48 -7.45 -21.87 -18.87
C GLY A 48 -6.57 -20.65 -18.74
N MET A 49 -7.15 -19.56 -18.25
CA MET A 49 -6.41 -18.31 -18.13
C MET A 49 -5.26 -18.42 -17.13
N ILE A 50 -5.52 -19.06 -15.97
CA ILE A 50 -4.51 -19.25 -14.93
C ILE A 50 -3.38 -20.13 -15.44
N GLU A 51 -3.74 -21.17 -16.17
CA GLU A 51 -2.77 -22.09 -16.76
C GLU A 51 -1.87 -21.39 -17.77
N LYS A 52 -2.46 -20.57 -18.64
CA LYS A 52 -1.69 -19.75 -19.61
C LYS A 52 -0.73 -18.79 -18.93
N LEU A 53 -1.18 -18.14 -17.86
CA LEU A 53 -0.28 -17.26 -17.09
C LEU A 53 0.91 -18.05 -16.57
N VAL A 54 0.61 -19.19 -15.94
CA VAL A 54 1.65 -20.05 -15.41
C VAL A 54 2.58 -20.55 -16.51
N ALA A 55 2.03 -20.87 -17.68
CA ALA A 55 2.87 -21.25 -18.84
C ALA A 55 3.60 -20.05 -19.45
N ALA A 56 2.97 -18.88 -19.42
CA ALA A 56 3.60 -17.64 -19.92
C ALA A 56 4.80 -17.29 -19.09
N GLN A 57 4.67 -17.42 -17.77
CA GLN A 57 5.76 -17.13 -16.87
C GLN A 57 6.95 -18.06 -17.11
N GLN A 58 6.68 -19.35 -17.25
CA GLN A 58 7.73 -20.33 -17.55
C GLN A 58 8.36 -20.10 -18.93
N GLN A 59 7.56 -19.67 -19.90
CA GLN A 59 8.05 -19.35 -21.24
C GLN A 59 8.88 -18.06 -21.26
N CYS A 60 8.42 -17.04 -20.53
CA CYS A 60 9.21 -15.80 -20.35
C CYS A 60 10.60 -16.05 -19.75
N ASN A 61 10.70 -16.97 -18.78
CA ASN A 61 11.98 -17.28 -18.11
C ASN A 61 13.02 -17.95 -19.01
N ARG A 62 12.61 -18.91 -19.83
CA ARG A 62 13.52 -19.58 -20.79
C ARG A 62 14.00 -18.63 -21.90
N ARG A 63 13.18 -17.64 -22.25
CA ARG A 63 13.54 -16.61 -23.23
C ARG A 63 14.70 -15.73 -22.73
N SER A 64 14.82 -15.61 -21.42
CA SER A 64 15.87 -14.78 -20.82
C SER A 64 17.03 -15.59 -20.26
N PHE A 65 17.10 -16.88 -20.62
CA PHE A 65 18.16 -17.76 -20.11
C PHE A 65 19.56 -17.32 -20.55
N SER A 66 19.71 -16.97 -21.82
CA SER A 66 21.01 -16.54 -22.36
C SER A 66 21.41 -15.17 -21.83
N ASP A 67 20.50 -14.20 -21.84
CA ASP A 67 20.78 -12.85 -21.30
C ASP A 67 21.17 -12.89 -19.82
N ARG A 68 20.61 -13.86 -19.09
CA ARG A 68 20.94 -14.10 -17.68
C ARG A 68 22.28 -14.80 -17.50
N LEU A 69 22.73 -15.50 -18.56
CA LEU A 69 24.03 -16.16 -18.58
C LEU A 69 25.18 -15.13 -18.70
N ARG A 70 24.94 -13.99 -19.34
CA ARG A 70 25.99 -12.96 -19.48
C ARG A 70 25.90 -11.82 -18.46
N VAL A 71 25.20 -12.04 -17.36
CA VAL A 71 25.25 -11.12 -16.22
C VAL A 71 26.70 -11.13 -15.68
N THR A 72 27.24 -9.97 -15.34
CA THR A 72 28.62 -9.89 -14.86
C THR A 72 28.72 -10.71 -13.57
N PRO A 73 29.69 -11.66 -13.51
CA PRO A 73 29.74 -12.60 -12.40
C PRO A 73 29.91 -11.93 -11.03
N TRP A 74 29.34 -12.58 -10.00
CA TRP A 74 29.46 -12.13 -8.62
C TRP A 74 30.86 -12.46 -8.13
N PRO A 75 31.64 -11.45 -7.74
CA PRO A 75 33.02 -11.71 -7.32
C PRO A 75 33.09 -12.43 -5.98
N PRO A 80 37.71 -9.20 -3.08
CA PRO A 80 37.78 -9.04 -1.64
C PRO A 80 38.27 -7.65 -1.19
N HIS A 81 37.30 -6.77 -0.93
CA HIS A 81 37.55 -5.43 -0.36
C HIS A 81 38.29 -4.50 -1.32
N SER A 82 37.53 -3.98 -2.28
CA SER A 82 38.02 -2.97 -3.24
C SER A 82 36.83 -2.21 -3.84
N ARG A 83 37.12 -1.05 -4.43
CA ARG A 83 36.12 -0.30 -5.18
C ARG A 83 35.66 -1.10 -6.41
N GLU A 84 36.62 -1.80 -7.02
CA GLU A 84 36.36 -2.75 -8.10
C GLU A 84 35.30 -3.78 -7.73
N ALA A 85 35.53 -4.50 -6.63
CA ALA A 85 34.63 -5.56 -6.18
C ALA A 85 33.20 -5.06 -5.89
N ARG A 86 33.06 -3.89 -5.29
CA ARG A 86 31.72 -3.37 -4.99
C ARG A 86 31.00 -2.83 -6.23
N GLN A 87 31.73 -2.51 -7.30
CA GLN A 87 31.09 -2.16 -8.56
C GLN A 87 30.58 -3.40 -9.31
N GLN A 88 31.30 -4.51 -9.19
CA GLN A 88 30.95 -5.75 -9.90
C GLN A 88 29.72 -6.42 -9.28
N ARG A 89 29.59 -6.33 -7.95
CA ARG A 89 28.44 -6.83 -7.23
C ARG A 89 27.20 -5.98 -7.53
N PHE A 90 27.39 -4.66 -7.55
CA PHE A 90 26.36 -3.74 -7.94
C PHE A 90 25.98 -3.97 -9.40
N ALA A 91 26.98 -4.12 -10.26
CA ALA A 91 26.74 -4.42 -11.67
C ALA A 91 25.90 -5.70 -11.79
N HIS A 92 26.32 -6.73 -11.06
CA HIS A 92 25.66 -8.04 -11.03
C HIS A 92 24.19 -7.94 -10.64
N PHE A 93 23.92 -7.26 -9.53
CA PHE A 93 22.55 -7.14 -9.02
C PHE A 93 21.63 -6.34 -9.95
N THR A 94 22.13 -5.21 -10.45
CA THR A 94 21.36 -4.38 -11.36
C THR A 94 21.07 -5.10 -12.68
N GLU A 95 22.00 -5.97 -13.08
CA GLU A 95 21.82 -6.74 -14.31
C GLU A 95 20.82 -7.88 -14.13
N LEU A 96 20.72 -8.41 -12.92
CA LEU A 96 19.61 -9.30 -12.58
C LEU A 96 18.27 -8.58 -12.72
N ALA A 97 18.23 -7.32 -12.26
CA ALA A 97 17.01 -6.50 -12.30
C ALA A 97 16.62 -6.13 -13.74
N ILE A 98 17.61 -5.86 -14.58
CA ILE A 98 17.37 -5.57 -16.00
C ILE A 98 16.64 -6.72 -16.69
N VAL A 99 17.15 -7.94 -16.52
CA VAL A 99 16.52 -9.14 -17.10
C VAL A 99 15.13 -9.42 -16.50
N SER A 100 14.98 -9.15 -15.21
CA SER A 100 13.70 -9.28 -14.55
C SER A 100 12.64 -8.36 -15.20
N VAL A 101 12.99 -7.10 -15.45
CA VAL A 101 12.11 -6.17 -16.16
C VAL A 101 11.78 -6.69 -17.56
N GLN A 102 12.76 -7.24 -18.26
CA GLN A 102 12.47 -7.90 -19.55
C GLN A 102 11.38 -8.96 -19.42
N GLU A 103 11.52 -9.83 -18.44
CA GLU A 103 10.53 -10.86 -18.14
C GLU A 103 9.18 -10.30 -17.73
N ILE A 104 9.19 -9.23 -16.95
CA ILE A 104 7.95 -8.61 -16.47
C ILE A 104 7.17 -8.04 -17.64
N VAL A 105 7.85 -7.32 -18.53
CA VAL A 105 7.27 -6.81 -19.79
C VAL A 105 6.72 -7.91 -20.68
N ASP A 106 7.52 -8.95 -20.90
CA ASP A 106 7.08 -10.08 -21.70
C ASP A 106 5.80 -10.73 -21.14
N PHE A 107 5.79 -10.99 -19.84
CA PHE A 107 4.64 -11.58 -19.16
C PHE A 107 3.39 -10.69 -19.25
N ALA A 108 3.59 -9.37 -19.18
CA ALA A 108 2.45 -8.44 -19.22
C ALA A 108 1.81 -8.44 -20.61
N LYS A 109 2.63 -8.61 -21.65
CA LYS A 109 2.11 -8.72 -23.01
C LYS A 109 1.15 -9.89 -23.18
N GLN A 110 1.35 -10.96 -22.41
CA GLN A 110 0.50 -12.15 -22.52
C GLN A 110 -0.75 -12.03 -21.64
N LEU A 111 -0.79 -11.05 -20.75
CA LEU A 111 -1.96 -10.78 -19.92
C LEU A 111 -3.15 -10.28 -20.75
N PRO A 112 -4.26 -11.06 -20.73
CA PRO A 112 -5.50 -10.64 -21.38
C PRO A 112 -5.89 -9.19 -21.09
N GLY A 113 -6.10 -8.42 -22.15
CA GLY A 113 -6.49 -7.02 -22.04
C GLY A 113 -5.35 -6.03 -21.94
N PHE A 114 -4.15 -6.50 -21.60
CA PHE A 114 -3.00 -5.61 -21.40
C PHE A 114 -2.61 -4.86 -22.66
N LEU A 115 -2.49 -5.60 -23.76
CA LEU A 115 -2.12 -5.00 -25.07
C LEU A 115 -3.25 -4.17 -25.73
N GLN A 116 -4.47 -4.25 -25.23
CA GLN A 116 -5.57 -3.46 -25.78
C GLN A 116 -5.59 -2.08 -25.11
N LEU A 117 -4.92 -1.97 -23.96
CA LEU A 117 -4.66 -0.67 -23.39
C LEU A 117 -3.77 0.10 -24.34
N SER A 118 -3.88 1.43 -24.32
CA SER A 118 -2.93 2.26 -25.04
C SER A 118 -1.53 1.95 -24.56
N ARG A 119 -0.56 2.19 -25.44
CA ARG A 119 0.84 1.94 -25.10
C ARG A 119 1.26 2.86 -23.97
N GLU A 120 0.70 4.08 -23.97
CA GLU A 120 0.88 5.04 -22.87
C GLU A 120 0.45 4.46 -21.51
N ASP A 121 -0.75 3.88 -21.41
CA ASP A 121 -1.19 3.21 -20.18
C ASP A 121 -0.34 1.95 -19.85
N GLN A 122 0.11 1.22 -20.86
CA GLN A 122 0.96 0.06 -20.64
C GLN A 122 2.25 0.43 -19.94
N ILE A 123 2.85 1.53 -20.39
CA ILE A 123 4.10 2.05 -19.82
C ILE A 123 3.85 2.57 -18.43
N ALA A 124 2.75 3.31 -18.24
CA ALA A 124 2.37 3.78 -16.91
C ALA A 124 2.23 2.63 -15.90
N LEU A 125 1.60 1.53 -16.31
CA LEU A 125 1.42 0.42 -15.39
C LEU A 125 2.74 -0.28 -15.03
N LEU A 126 3.58 -0.51 -16.05
CA LEU A 126 4.83 -1.23 -15.85
C LEU A 126 5.89 -0.41 -15.08
N LYS A 127 6.01 0.87 -15.39
CA LYS A 127 6.96 1.76 -14.72
C LYS A 127 6.85 1.63 -13.20
N THR A 128 5.62 1.60 -12.70
CA THR A 128 5.37 1.62 -11.25
C THR A 128 5.19 0.22 -10.64
N SER A 129 4.73 -0.77 -11.40
CA SER A 129 4.56 -2.11 -10.81
C SER A 129 5.86 -2.94 -10.82
N ALA A 130 6.81 -2.58 -11.69
CA ALA A 130 7.99 -3.41 -11.88
C ALA A 130 8.67 -3.76 -10.56
N ILE A 131 8.88 -2.78 -9.69
CA ILE A 131 9.53 -3.07 -8.41
C ILE A 131 8.70 -4.01 -7.57
N GLU A 132 7.38 -3.87 -7.65
CA GLU A 132 6.50 -4.73 -6.87
C GLU A 132 6.51 -6.17 -7.39
N VAL A 133 6.53 -6.33 -8.71
CA VAL A 133 6.62 -7.64 -9.31
C VAL A 133 7.96 -8.28 -8.94
N MET A 134 9.03 -7.49 -9.00
CA MET A 134 10.36 -7.96 -8.62
C MET A 134 10.46 -8.40 -7.14
N LEU A 135 9.83 -7.63 -6.25
CA LEU A 135 9.79 -7.97 -4.83
C LEU A 135 9.00 -9.27 -4.61
N LEU A 136 7.90 -9.43 -5.34
CA LEU A 136 7.13 -10.68 -5.32
C LEU A 136 7.98 -11.86 -5.76
N GLU A 137 8.68 -11.73 -6.89
CA GLU A 137 9.57 -12.80 -7.39
C GLU A 137 10.72 -13.07 -6.43
N THR A 138 11.22 -12.02 -5.80
CA THR A 138 12.21 -12.17 -4.74
C THR A 138 11.68 -13.04 -3.59
N SER A 139 10.46 -12.77 -3.13
CA SER A 139 9.87 -13.53 -1.99
C SER A 139 9.54 -14.99 -2.36
N ARG A 140 9.29 -15.22 -3.64
CA ARG A 140 9.13 -16.55 -4.20
C ARG A 140 10.38 -17.44 -4.08
N ARG A 141 11.55 -16.80 -4.04
CA ARG A 141 12.83 -17.51 -4.06
C ARG A 141 13.53 -17.47 -2.71
N TYR A 142 12.75 -17.22 -1.67
CA TYR A 142 13.25 -17.09 -0.30
C TYR A 142 13.49 -18.46 0.34
N ASN A 143 14.56 -18.55 1.13
CA ASN A 143 14.93 -19.78 1.81
C ASN A 143 14.83 -19.53 3.30
N PRO A 144 13.76 -20.04 3.95
CA PRO A 144 13.57 -19.73 5.39
C PRO A 144 14.77 -20.11 6.25
N GLY A 145 15.28 -21.33 6.06
CA GLY A 145 16.39 -21.84 6.87
C GLY A 145 17.56 -20.87 6.99
N SER A 146 18.08 -20.43 5.84
CA SER A 146 19.23 -19.50 5.80
C SER A 146 18.85 -18.03 5.65
N GLU A 147 17.54 -17.73 5.65
CA GLU A 147 17.05 -16.38 5.34
C GLU A 147 17.88 -15.78 4.20
N SER A 148 17.86 -16.48 3.06
CA SER A 148 18.54 -16.01 1.87
C SER A 148 17.56 -16.02 0.71
N ILE A 149 17.98 -15.40 -0.38
CA ILE A 149 17.25 -15.40 -1.64
C ILE A 149 18.11 -16.08 -2.71
N THR A 150 17.58 -17.13 -3.32
CA THR A 150 18.27 -17.82 -4.40
C THR A 150 17.85 -17.22 -5.75
N PHE A 151 18.68 -16.34 -6.28
CA PHE A 151 18.50 -15.86 -7.64
C PHE A 151 19.10 -16.89 -8.62
N LEU A 152 20.41 -16.85 -8.86
CA LEU A 152 21.05 -17.88 -9.71
C LEU A 152 21.13 -19.19 -8.93
N LYS A 153 21.07 -20.31 -9.66
CA LYS A 153 20.64 -21.61 -9.09
C LYS A 153 21.49 -22.15 -7.94
N ASP A 154 22.81 -22.19 -8.13
CA ASP A 154 23.69 -22.71 -7.08
C ASP A 154 24.22 -21.59 -6.17
N PHE A 155 23.44 -20.52 -6.02
CA PHE A 155 23.95 -19.31 -5.39
C PHE A 155 22.85 -18.52 -4.67
N SER A 156 23.02 -18.35 -3.37
CA SER A 156 22.00 -17.76 -2.50
C SER A 156 22.54 -16.46 -1.91
N TYR A 157 21.65 -15.50 -1.71
CA TYR A 157 22.06 -14.18 -1.22
C TYR A 157 21.34 -13.86 0.08
N ASN A 158 22.12 -13.53 1.11
CA ASN A 158 21.57 -13.14 2.41
C ASN A 158 21.61 -11.63 2.56
N ARG A 159 21.13 -11.14 3.70
CA ARG A 159 21.13 -9.70 3.98
C ARG A 159 22.48 -9.01 3.75
N GLU A 160 23.58 -9.65 4.13
CA GLU A 160 24.91 -9.03 3.98
C GLU A 160 25.32 -8.89 2.51
N ASP A 161 24.92 -9.85 1.69
CA ASP A 161 25.21 -9.82 0.27
C ASP A 161 24.49 -8.67 -0.44
N PHE A 162 23.27 -8.38 -0.01
CA PHE A 162 22.50 -7.23 -0.52
C PHE A 162 23.20 -5.92 -0.21
N ALA A 163 23.69 -5.79 1.03
CA ALA A 163 24.44 -4.62 1.46
C ALA A 163 25.69 -4.42 0.60
N LYS A 164 26.38 -5.54 0.36
CA LYS A 164 27.59 -5.55 -0.43
C LYS A 164 27.31 -5.26 -1.90
N ALA A 165 26.08 -5.56 -2.34
CA ALA A 165 25.64 -5.27 -3.70
C ALA A 165 25.20 -3.81 -3.89
N GLY A 166 25.22 -3.02 -2.81
CA GLY A 166 25.01 -1.58 -2.87
C GLY A 166 23.73 -1.06 -2.23
N LEU A 167 22.91 -1.98 -1.71
CA LEU A 167 21.61 -1.63 -1.15
C LEU A 167 21.75 -1.21 0.32
N GLN A 168 20.96 -0.24 0.76
CA GLN A 168 21.00 0.23 2.15
C GLN A 168 20.09 -0.64 3.03
N VAL A 169 20.43 -0.72 4.33
CA VAL A 169 19.77 -1.66 5.24
C VAL A 169 18.33 -1.28 5.48
N GLU A 170 18.00 -0.01 5.26
CA GLU A 170 16.65 0.48 5.44
C GLU A 170 15.71 -0.07 4.36
N PHE A 171 16.28 -0.60 3.28
CA PHE A 171 15.54 -1.26 2.22
C PHE A 171 15.68 -2.77 2.33
N ILE A 172 16.90 -3.23 2.59
CA ILE A 172 17.20 -4.66 2.70
C ILE A 172 16.34 -5.35 3.75
N ASN A 173 16.30 -4.80 4.95
CA ASN A 173 15.59 -5.42 6.09
C ASN A 173 14.09 -5.62 5.81
N PRO A 174 13.37 -4.57 5.35
CA PRO A 174 11.98 -4.80 4.88
C PRO A 174 11.78 -5.79 3.70
N ILE A 175 12.77 -5.94 2.81
CA ILE A 175 12.64 -6.92 1.73
C ILE A 175 12.56 -8.32 2.35
N PHE A 176 13.50 -8.59 3.25
CA PHE A 176 13.61 -9.91 3.88
C PHE A 176 12.47 -10.17 4.89
N GLU A 177 12.00 -9.14 5.57
CA GLU A 177 10.80 -9.26 6.40
C GLU A 177 9.54 -9.58 5.58
N PHE A 178 9.36 -8.85 4.47
CA PHE A 178 8.24 -9.12 3.55
C PHE A 178 8.34 -10.53 2.97
N SER A 179 9.57 -10.94 2.63
CA SER A 179 9.83 -12.24 2.07
C SER A 179 9.55 -13.34 3.12
N ARG A 180 10.04 -13.15 4.34
CA ARG A 180 9.63 -14.01 5.47
C ARG A 180 8.11 -14.21 5.55
N ALA A 181 7.35 -13.12 5.56
CA ALA A 181 5.91 -13.19 5.78
C ALA A 181 5.20 -13.88 4.63
N MET A 182 5.69 -13.64 3.43
CA MET A 182 5.14 -14.23 2.21
C MET A 182 5.41 -15.73 2.16
N ASN A 183 6.59 -16.15 2.62
CA ASN A 183 6.94 -17.57 2.69
C ASN A 183 5.98 -18.38 3.56
N GLU A 184 5.55 -17.78 4.67
CA GLU A 184 4.54 -18.40 5.56
C GLU A 184 3.22 -18.73 4.86
N LEU A 185 2.88 -17.95 3.84
CA LEU A 185 1.65 -18.15 3.06
C LEU A 185 1.76 -19.27 2.01
N GLN A 186 2.99 -19.68 1.70
CA GLN A 186 3.25 -20.81 0.81
C GLN A 186 2.42 -20.74 -0.49
N LEU A 187 2.63 -19.68 -1.26
CA LEU A 187 1.92 -19.48 -2.50
C LEU A 187 2.52 -20.37 -3.59
N ASN A 188 1.66 -20.88 -4.47
CA ASN A 188 2.13 -21.70 -5.59
C ASN A 188 2.39 -20.83 -6.84
N ASP A 189 2.70 -21.44 -7.98
CA ASP A 189 2.88 -20.67 -9.21
C ASP A 189 1.65 -19.85 -9.62
N ALA A 190 0.48 -20.45 -9.49
CA ALA A 190 -0.77 -19.84 -9.92
C ALA A 190 -1.10 -18.59 -9.10
N GLU A 191 -0.92 -18.66 -7.78
CA GLU A 191 -1.21 -17.53 -6.89
C GLU A 191 -0.22 -16.37 -7.06
N PHE A 192 1.06 -16.67 -7.23
CA PHE A 192 2.04 -15.65 -7.61
C PHE A 192 1.71 -15.00 -8.97
N ALA A 193 1.43 -15.80 -10.00
CA ALA A 193 1.06 -15.25 -11.34
C ALA A 193 -0.11 -14.27 -11.26
N LEU A 194 -1.13 -14.65 -10.52
CA LEU A 194 -2.28 -13.80 -10.34
C LEU A 194 -1.97 -12.59 -9.43
N LEU A 195 -1.16 -12.75 -8.38
CA LEU A 195 -0.81 -11.61 -7.51
C LEU A 195 -0.06 -10.55 -8.34
N ILE A 196 0.81 -11.05 -9.22
CA ILE A 196 1.57 -10.22 -10.12
C ILE A 196 0.67 -9.46 -11.13
N ALA A 197 -0.25 -10.18 -11.75
CA ALA A 197 -1.23 -9.58 -12.63
C ALA A 197 -2.09 -8.52 -11.90
N ILE A 198 -2.61 -8.85 -10.72
CA ILE A 198 -3.38 -7.88 -9.94
C ILE A 198 -2.52 -6.61 -9.67
N SER A 199 -1.26 -6.82 -9.31
CA SER A 199 -0.35 -5.69 -9.02
C SER A 199 -0.14 -4.78 -10.24
N ILE A 200 0.01 -5.39 -11.42
CA ILE A 200 0.16 -4.67 -12.68
C ILE A 200 -1.09 -3.87 -13.08
N PHE A 201 -2.26 -4.47 -12.91
CA PHE A 201 -3.51 -3.79 -13.25
C PHE A 201 -4.06 -2.95 -12.09
N SER A 202 -3.24 -2.04 -11.59
CA SER A 202 -3.64 -1.09 -10.55
C SER A 202 -4.06 0.27 -11.15
N ALA A 203 -5.36 0.57 -11.11
CA ALA A 203 -5.92 1.83 -11.63
C ALA A 203 -5.39 3.11 -10.96
N ASP A 204 -4.77 2.97 -9.79
CA ASP A 204 -4.37 4.13 -9.02
C ASP A 204 -2.89 4.51 -9.23
N ARG A 205 -2.17 3.87 -10.15
CA ARG A 205 -0.80 4.32 -10.45
C ARG A 205 -0.84 5.75 -11.00
N PRO A 206 0.26 6.50 -10.82
CA PRO A 206 0.42 7.77 -11.53
C PRO A 206 0.20 7.62 -13.03
N ASN A 207 -0.56 8.55 -13.61
CA ASN A 207 -0.63 8.77 -15.05
C ASN A 207 -1.44 7.75 -15.87
N VAL A 208 -2.29 6.98 -15.19
CA VAL A 208 -3.19 6.06 -15.86
C VAL A 208 -4.42 6.79 -16.44
N GLN A 209 -4.63 6.63 -17.74
CA GLN A 209 -5.72 7.31 -18.42
C GLN A 209 -7.01 6.53 -18.25
N ASP A 210 -7.02 5.29 -18.75
CA ASP A 210 -8.23 4.49 -18.69
C ASP A 210 -8.31 3.72 -17.38
N GLN A 211 -8.56 4.46 -16.30
CA GLN A 211 -8.68 3.87 -14.99
C GLN A 211 -9.86 2.88 -14.90
N LEU A 212 -10.97 3.18 -15.56
CA LEU A 212 -12.11 2.26 -15.56
C LEU A 212 -11.74 0.86 -16.06
N GLN A 213 -11.12 0.81 -17.23
CA GLN A 213 -10.76 -0.45 -17.88
C GLN A 213 -9.68 -1.22 -17.12
N VAL A 214 -8.65 -0.51 -16.64
CA VAL A 214 -7.60 -1.13 -15.82
C VAL A 214 -8.19 -1.77 -14.54
N GLU A 215 -9.13 -1.08 -13.92
CA GLU A 215 -9.76 -1.62 -12.75
C GLU A 215 -10.62 -2.85 -13.09
N ARG A 216 -11.38 -2.75 -14.18
CA ARG A 216 -12.20 -3.85 -14.68
C ARG A 216 -11.36 -5.11 -14.96
N LEU A 217 -10.16 -4.92 -15.52
CA LEU A 217 -9.21 -6.00 -15.78
C LEU A 217 -8.65 -6.61 -14.48
N GLN A 218 -8.28 -5.77 -13.52
CA GLN A 218 -7.81 -6.23 -12.21
C GLN A 218 -8.83 -7.13 -11.56
N HIS A 219 -10.10 -6.69 -11.60
CA HIS A 219 -11.21 -7.45 -11.03
C HIS A 219 -11.35 -8.87 -11.54
N THR A 220 -11.15 -9.08 -12.85
CA THR A 220 -11.16 -10.45 -13.39
C THR A 220 -10.07 -11.35 -12.80
N TYR A 221 -8.88 -10.81 -12.51
CA TYR A 221 -7.81 -11.61 -11.86
C TYR A 221 -8.07 -11.77 -10.37
N VAL A 222 -8.73 -10.80 -9.74
CA VAL A 222 -9.15 -10.93 -8.34
C VAL A 222 -10.17 -12.06 -8.18
N GLU A 223 -11.23 -12.05 -9.00
CA GLU A 223 -12.20 -13.16 -9.05
C GLU A 223 -11.53 -14.49 -9.38
N ALA A 224 -10.63 -14.51 -10.36
CA ALA A 224 -9.96 -15.75 -10.70
C ALA A 224 -9.19 -16.34 -9.48
N LEU A 225 -8.46 -15.47 -8.77
CA LEU A 225 -7.74 -15.83 -7.55
C LEU A 225 -8.70 -16.29 -6.46
N HIS A 226 -9.78 -15.56 -6.27
CA HIS A 226 -10.76 -15.95 -5.26
C HIS A 226 -11.26 -17.37 -5.51
N ALA A 227 -11.60 -17.65 -6.76
CA ALA A 227 -12.10 -18.97 -7.15
C ALA A 227 -11.01 -20.01 -7.04
N TYR A 228 -9.80 -19.70 -7.48
CA TYR A 228 -8.68 -20.65 -7.39
C TYR A 228 -8.33 -21.04 -5.94
N VAL A 229 -8.24 -20.03 -5.07
CA VAL A 229 -7.92 -20.23 -3.66
C VAL A 229 -9.00 -21.05 -2.95
N SER A 230 -10.21 -21.07 -3.48
CA SER A 230 -11.26 -21.95 -2.95
C SER A 230 -11.06 -23.44 -3.22
N ILE A 231 -10.30 -23.79 -4.27
CA ILE A 231 -9.92 -25.18 -4.55
C ILE A 231 -8.66 -25.56 -3.79
N HIS A 232 -7.67 -24.66 -3.80
CA HIS A 232 -6.37 -24.91 -3.16
C HIS A 232 -6.47 -24.89 -1.63
N HIS A 233 -7.34 -24.03 -1.10
CA HIS A 233 -7.56 -23.89 0.34
C HIS A 233 -9.07 -23.84 0.67
N PRO A 234 -9.77 -24.99 0.54
CA PRO A 234 -11.23 -25.02 0.67
C PRO A 234 -11.73 -24.89 2.13
N HIS A 235 -10.84 -25.09 3.10
CA HIS A 235 -11.22 -24.94 4.52
C HIS A 235 -10.60 -23.69 5.16
N ASP A 236 -10.06 -22.79 4.35
CA ASP A 236 -9.45 -21.58 4.86
C ASP A 236 -9.87 -20.33 4.05
N ARG A 237 -11.03 -19.80 4.39
CA ARG A 237 -11.54 -18.57 3.74
C ARG A 237 -10.71 -17.32 4.01
N LEU A 238 -9.71 -17.41 4.90
CA LEU A 238 -8.78 -16.32 5.12
C LEU A 238 -7.62 -16.26 4.11
N MET A 239 -7.30 -17.36 3.43
CA MET A 239 -6.12 -17.36 2.55
C MET A 239 -6.24 -16.34 1.41
N PHE A 240 -7.43 -16.22 0.83
CA PHE A 240 -7.69 -15.25 -0.25
C PHE A 240 -7.40 -13.79 0.18
N PRO A 241 -8.09 -13.30 1.21
CA PRO A 241 -7.76 -11.94 1.68
C PRO A 241 -6.34 -11.75 2.19
N ARG A 242 -5.71 -12.78 2.76
CA ARG A 242 -4.31 -12.63 3.20
C ARG A 242 -3.37 -12.35 2.03
N MET A 243 -3.63 -12.99 0.89
CA MET A 243 -2.86 -12.77 -0.32
C MET A 243 -3.03 -11.35 -0.82
N LEU A 244 -4.30 -10.96 -0.95
CA LEU A 244 -4.63 -9.59 -1.28
C LEU A 244 -3.99 -8.60 -0.33
N MET A 245 -3.95 -8.90 0.97
CA MET A 245 -3.37 -7.96 1.94
C MET A 245 -1.86 -7.73 1.72
N LYS A 246 -1.18 -8.66 1.06
CA LYS A 246 0.26 -8.52 0.80
C LYS A 246 0.53 -7.41 -0.23
N LEU A 247 -0.45 -7.13 -1.09
CA LEU A 247 -0.36 -5.99 -2.00
C LEU A 247 -0.28 -4.66 -1.24
N VAL A 248 -0.86 -4.63 -0.04
CA VAL A 248 -0.80 -3.47 0.82
C VAL A 248 0.64 -3.28 1.30
N SER A 249 1.24 -4.35 1.83
CA SER A 249 2.66 -4.33 2.24
C SER A 249 3.59 -3.98 1.09
N LEU A 250 3.29 -4.48 -0.11
CA LEU A 250 4.06 -4.13 -1.30
C LEU A 250 4.08 -2.64 -1.59
N ARG A 251 2.97 -1.94 -1.37
CA ARG A 251 2.96 -0.49 -1.64
C ARG A 251 3.97 0.24 -0.77
N THR A 252 4.07 -0.18 0.49
CA THR A 252 5.02 0.40 1.42
C THR A 252 6.46 0.05 1.04
N LEU A 253 6.70 -1.17 0.59
CA LEU A 253 8.05 -1.53 0.07
C LEU A 253 8.43 -0.70 -1.15
N SER A 254 7.46 -0.43 -2.02
CA SER A 254 7.68 0.47 -3.15
C SER A 254 8.18 1.84 -2.70
N SER A 255 7.52 2.40 -1.68
CA SER A 255 7.92 3.69 -1.13
C SER A 255 9.36 3.68 -0.56
N VAL A 256 9.70 2.62 0.17
CA VAL A 256 11.04 2.47 0.75
C VAL A 256 12.08 2.34 -0.38
N HIS A 257 11.67 1.67 -1.46
CA HIS A 257 12.48 1.54 -2.66
C HIS A 257 12.78 2.88 -3.32
N SER A 258 11.81 3.79 -3.36
CA SER A 258 12.04 5.13 -3.90
C SER A 258 13.13 5.89 -3.15
N GLU A 259 13.13 5.74 -1.82
CA GLU A 259 14.18 6.28 -0.97
C GLU A 259 15.54 5.63 -1.26
N GLN A 260 15.53 4.35 -1.60
CA GLN A 260 16.75 3.66 -2.01
C GLN A 260 17.35 4.28 -3.29
N VAL A 261 16.49 4.55 -4.27
CA VAL A 261 16.90 5.12 -5.55
C VAL A 261 17.43 6.54 -5.35
N PHE A 262 16.86 7.25 -4.39
CA PHE A 262 17.33 8.60 -4.03
C PHE A 262 18.70 8.59 -3.37
N ALA A 263 18.96 7.60 -2.52
CA ALA A 263 20.26 7.46 -1.87
C ALA A 263 21.37 7.17 -2.88
N LEU A 264 21.05 6.42 -3.93
CA LEU A 264 22.02 6.09 -4.99
C LEU A 264 22.55 7.35 -5.63
N ARG A 265 21.63 8.26 -5.91
CA ARG A 265 21.98 9.58 -6.43
C ARG A 265 23.05 10.23 -5.55
N LEU A 266 22.82 10.27 -4.24
CA LEU A 266 23.77 10.86 -3.27
C LEU A 266 25.09 10.08 -3.15
N GLN A 267 25.04 8.78 -3.39
CA GLN A 267 26.24 7.95 -3.48
C GLN A 267 26.92 8.11 -4.86
N ASP A 268 26.36 8.98 -5.70
CA ASP A 268 26.70 9.05 -7.14
C ASP A 268 26.84 7.67 -7.79
N LYS A 269 25.98 6.75 -7.37
CA LYS A 269 25.94 5.41 -7.93
C LYS A 269 24.81 5.46 -8.96
N LYS A 270 25.18 5.28 -10.22
CA LYS A 270 24.26 5.48 -11.33
C LYS A 270 23.63 4.16 -11.73
N LEU A 271 22.32 4.21 -11.98
CA LEU A 271 21.58 3.03 -12.41
C LEU A 271 21.80 2.83 -13.89
N PRO A 272 21.82 1.57 -14.33
CA PRO A 272 21.89 1.36 -15.76
C PRO A 272 20.60 1.87 -16.45
N PRO A 273 20.70 2.27 -17.72
CA PRO A 273 19.65 2.96 -18.50
C PRO A 273 18.20 2.52 -18.35
N LEU A 274 17.93 1.22 -18.35
CA LEU A 274 16.55 0.73 -18.22
C LEU A 274 16.04 1.00 -16.80
N LEU A 275 16.84 0.66 -15.79
CA LEU A 275 16.45 0.94 -14.40
C LEU A 275 16.37 2.45 -14.16
N SER A 276 17.28 3.22 -14.72
CA SER A 276 17.22 4.68 -14.56
C SER A 276 15.95 5.27 -15.19
N GLU A 277 15.61 4.79 -16.38
CA GLU A 277 14.43 5.25 -17.09
C GLU A 277 13.13 4.98 -16.31
N ILE A 278 13.02 3.80 -15.70
CA ILE A 278 11.83 3.46 -14.94
C ILE A 278 11.83 4.00 -13.49
N TRP A 279 13.01 4.15 -12.90
CA TRP A 279 13.11 4.46 -11.47
C TRP A 279 13.60 5.83 -11.07
N ASP A 280 14.50 6.42 -11.86
CA ASP A 280 15.00 7.79 -11.55
C ASP A 280 13.94 8.85 -11.81
N VAL A 281 14.00 9.94 -11.05
CA VAL A 281 13.06 11.05 -11.19
C VAL A 281 13.47 11.97 -12.32
N GLN B 41 -21.18 -16.03 5.93
CA GLN B 41 -22.20 -16.43 6.97
C GLN B 41 -21.98 -15.65 8.26
N LEU B 42 -22.78 -14.60 8.47
CA LEU B 42 -22.61 -13.70 9.61
C LEU B 42 -23.14 -14.34 10.88
N SER B 43 -22.27 -14.49 11.88
CA SER B 43 -22.61 -15.12 13.13
C SER B 43 -23.11 -14.07 14.12
N PRO B 44 -23.76 -14.50 15.20
CA PRO B 44 -24.17 -13.55 16.24
C PRO B 44 -23.02 -12.69 16.78
N GLU B 45 -21.86 -13.31 16.97
CA GLU B 45 -20.71 -12.65 17.58
C GLU B 45 -20.16 -11.53 16.67
N GLN B 46 -20.09 -11.81 15.37
CA GLN B 46 -19.66 -10.81 14.39
C GLN B 46 -20.63 -9.66 14.26
N LEU B 47 -21.93 -9.99 14.17
CA LEU B 47 -23.01 -9.00 14.09
C LEU B 47 -22.97 -8.04 15.28
N GLY B 48 -22.79 -8.60 16.48
CA GLY B 48 -22.68 -7.83 17.70
C GLY B 48 -21.45 -6.95 17.75
N MET B 49 -20.32 -7.48 17.28
CA MET B 49 -19.06 -6.75 17.28
C MET B 49 -19.11 -5.58 16.30
N ILE B 50 -19.72 -5.79 15.13
CA ILE B 50 -19.83 -4.75 14.13
C ILE B 50 -20.72 -3.63 14.64
N GLU B 51 -21.83 -3.98 15.30
CA GLU B 51 -22.73 -2.97 15.82
C GLU B 51 -22.07 -2.13 16.91
N LYS B 52 -21.30 -2.75 17.82
CA LYS B 52 -20.58 -1.99 18.84
C LYS B 52 -19.59 -1.02 18.20
N LEU B 53 -18.83 -1.44 17.19
CA LEU B 53 -17.93 -0.52 16.47
C LEU B 53 -18.67 0.72 15.96
N VAL B 54 -19.78 0.49 15.27
CA VAL B 54 -20.63 1.56 14.76
C VAL B 54 -21.17 2.42 15.88
N ALA B 55 -21.57 1.81 17.00
CA ALA B 55 -21.99 2.58 18.19
C ALA B 55 -20.80 3.33 18.78
N ALA B 56 -19.64 2.67 18.81
CA ALA B 56 -18.42 3.25 19.34
C ALA B 56 -17.99 4.51 18.59
N GLN B 57 -18.06 4.45 17.27
CA GLN B 57 -17.72 5.60 16.43
C GLN B 57 -18.61 6.80 16.67
N GLN B 58 -19.92 6.57 16.77
CA GLN B 58 -20.85 7.66 17.09
C GLN B 58 -20.62 8.20 18.51
N GLN B 59 -20.37 7.31 19.48
CA GLN B 59 -20.02 7.70 20.84
CA GLN B 59 -20.01 7.71 20.85
C GLN B 59 -18.74 8.57 20.87
N CYS B 60 -17.73 8.19 20.08
CA CYS B 60 -16.47 8.96 19.96
C CYS B 60 -16.69 10.32 19.31
N ASN B 61 -17.58 10.35 18.31
CA ASN B 61 -17.97 11.60 17.64
C ASN B 61 -18.61 12.57 18.64
N ARG B 62 -19.42 12.03 19.54
CA ARG B 62 -20.08 12.82 20.57
C ARG B 62 -19.10 13.43 21.57
N ARG B 63 -18.17 12.62 22.06
CA ARG B 63 -17.20 13.06 23.07
C ARG B 63 -16.22 14.15 22.60
N SER B 64 -16.16 14.40 21.29
CA SER B 64 -15.26 15.41 20.73
C SER B 64 -16.02 16.56 20.08
N PHE B 65 -17.34 16.64 20.33
CA PHE B 65 -18.18 17.68 19.78
C PHE B 65 -17.69 19.05 20.24
N SER B 66 -17.58 19.18 21.56
CA SER B 66 -17.16 20.45 22.16
C SER B 66 -15.81 20.89 21.61
N ASP B 67 -14.84 19.97 21.55
CA ASP B 67 -13.50 20.25 21.01
C ASP B 67 -13.53 20.77 19.56
N ARG B 68 -14.41 20.21 18.74
CA ARG B 68 -14.63 20.72 17.37
C ARG B 68 -15.31 22.09 17.35
N LEU B 69 -16.09 22.38 18.39
CA LEU B 69 -16.70 23.70 18.53
C LEU B 69 -15.68 24.81 18.86
N ARG B 70 -14.66 24.46 19.66
CA ARG B 70 -13.63 25.43 20.06
C ARG B 70 -12.50 25.60 19.04
N VAL B 71 -12.57 24.92 17.89
CA VAL B 71 -11.50 25.01 16.89
C VAL B 71 -11.49 26.37 16.19
N THR B 72 -10.29 26.90 15.96
CA THR B 72 -10.15 28.16 15.24
C THR B 72 -11.04 28.17 14.00
N PRO B 73 -11.89 29.21 13.85
CA PRO B 73 -12.75 29.26 12.69
C PRO B 73 -12.00 29.56 11.39
N TRP B 74 -12.62 29.19 10.27
CA TRP B 74 -12.11 29.49 8.95
C TRP B 74 -12.26 31.00 8.73
N PRO B 75 -11.18 31.67 8.27
CA PRO B 75 -11.33 33.10 7.94
C PRO B 75 -12.00 33.30 6.57
N SER B 82 -3.47 38.07 3.57
CA SER B 82 -2.62 38.41 4.73
C SER B 82 -1.97 37.21 5.43
N ARG B 83 -1.03 37.53 6.31
CA ARG B 83 -0.34 36.56 7.15
C ARG B 83 -1.26 36.02 8.27
N GLU B 84 -2.12 36.89 8.82
CA GLU B 84 -3.09 36.48 9.83
C GLU B 84 -4.14 35.47 9.30
N ALA B 85 -4.70 35.73 8.13
CA ALA B 85 -5.68 34.85 7.51
C ALA B 85 -5.07 33.50 7.14
N ARG B 86 -3.93 33.54 6.48
CA ARG B 86 -3.16 32.35 6.12
C ARG B 86 -2.85 31.45 7.34
N GLN B 87 -2.40 32.07 8.43
CA GLN B 87 -2.14 31.35 9.69
C GLN B 87 -3.40 30.72 10.29
N GLN B 88 -4.50 31.44 10.19
CA GLN B 88 -5.76 31.02 10.81
C GLN B 88 -6.34 29.80 10.07
N ARG B 89 -6.25 29.78 8.74
CA ARG B 89 -6.62 28.63 7.94
C ARG B 89 -5.81 27.37 8.29
N PHE B 90 -4.49 27.52 8.35
CA PHE B 90 -3.61 26.43 8.74
C PHE B 90 -3.97 25.93 10.13
N ALA B 91 -4.17 26.87 11.06
CA ALA B 91 -4.61 26.54 12.41
C ALA B 91 -5.98 25.82 12.40
N HIS B 92 -6.90 26.30 11.57
CA HIS B 92 -8.21 25.64 11.39
C HIS B 92 -8.07 24.17 10.97
N PHE B 93 -7.28 23.91 9.93
CA PHE B 93 -7.12 22.55 9.41
C PHE B 93 -6.43 21.67 10.43
N THR B 94 -5.32 22.15 10.98
CA THR B 94 -4.52 21.35 11.87
C THR B 94 -5.23 21.00 13.16
N GLU B 95 -6.08 21.90 13.65
CA GLU B 95 -6.86 21.64 14.86
C GLU B 95 -7.98 20.61 14.60
N LEU B 96 -8.53 20.61 13.39
CA LEU B 96 -9.43 19.54 12.96
C LEU B 96 -8.73 18.19 12.98
N ALA B 97 -7.48 18.17 12.50
CA ALA B 97 -6.64 16.97 12.54
C ALA B 97 -6.36 16.48 13.98
N ILE B 98 -6.09 17.42 14.90
CA ILE B 98 -5.84 17.09 16.31
C ILE B 98 -7.08 16.42 16.92
N VAL B 99 -8.23 17.07 16.81
CA VAL B 99 -9.50 16.49 17.28
C VAL B 99 -9.72 15.10 16.68
N SER B 100 -9.49 15.01 15.39
CA SER B 100 -9.58 13.75 14.66
C SER B 100 -8.63 12.67 15.25
N VAL B 101 -7.37 13.01 15.54
CA VAL B 101 -6.45 12.06 16.19
C VAL B 101 -6.98 11.61 17.57
N GLN B 102 -7.59 12.53 18.32
CA GLN B 102 -8.21 12.20 19.59
C GLN B 102 -9.38 11.19 19.44
N GLU B 103 -10.19 11.35 18.38
CA GLU B 103 -11.28 10.38 18.09
C GLU B 103 -10.78 9.00 17.70
N ILE B 104 -9.73 8.98 16.90
CA ILE B 104 -9.13 7.72 16.43
C ILE B 104 -8.56 6.93 17.61
N VAL B 105 -7.89 7.64 18.52
CA VAL B 105 -7.37 7.06 19.77
C VAL B 105 -8.50 6.47 20.61
N ASP B 106 -9.54 7.26 20.82
CA ASP B 106 -10.72 6.85 21.55
C ASP B 106 -11.46 5.67 20.88
N PHE B 107 -11.55 5.69 19.54
CA PHE B 107 -12.14 4.56 18.82
C PHE B 107 -11.31 3.26 18.96
N ALA B 108 -9.98 3.40 18.98
CA ALA B 108 -9.06 2.26 19.05
C ALA B 108 -9.18 1.55 20.39
N LYS B 109 -9.30 2.33 21.44
CA LYS B 109 -9.49 1.82 22.79
C LYS B 109 -10.73 0.94 22.92
N GLN B 110 -11.71 1.17 22.04
CA GLN B 110 -12.95 0.37 22.01
C GLN B 110 -12.77 -0.88 21.19
N LEU B 111 -11.73 -0.95 20.35
CA LEU B 111 -11.52 -2.12 19.51
C LEU B 111 -11.13 -3.33 20.35
N PRO B 112 -11.94 -4.39 20.28
CA PRO B 112 -11.59 -5.64 20.97
C PRO B 112 -10.12 -6.05 20.74
N GLY B 113 -9.40 -6.33 21.83
CA GLY B 113 -7.98 -6.70 21.75
C GLY B 113 -6.93 -5.57 21.73
N PHE B 114 -7.35 -4.34 21.44
CA PHE B 114 -6.39 -3.23 21.29
C PHE B 114 -5.70 -2.83 22.60
N LEU B 115 -6.46 -2.81 23.70
CA LEU B 115 -5.91 -2.42 24.99
C LEU B 115 -5.10 -3.54 25.66
N GLN B 116 -5.17 -4.77 25.13
CA GLN B 116 -4.39 -5.90 25.62
C GLN B 116 -2.99 -5.96 24.96
N LEU B 117 -2.85 -5.30 23.83
CA LEU B 117 -1.54 -5.07 23.24
C LEU B 117 -0.74 -4.14 24.15
N SER B 118 0.58 -4.27 24.11
CA SER B 118 1.42 -3.40 24.91
C SER B 118 1.13 -1.97 24.50
N ARG B 119 1.34 -1.05 25.43
CA ARG B 119 1.15 0.38 25.13
C ARG B 119 2.11 0.79 24.04
N GLU B 120 3.26 0.17 24.01
CA GLU B 120 4.24 0.38 22.93
C GLU B 120 3.66 0.03 21.55
N ASP B 121 2.99 -1.11 21.43
CA ASP B 121 2.35 -1.48 20.17
C ASP B 121 1.14 -0.61 19.84
N GLN B 122 0.38 -0.23 20.86
CA GLN B 122 -0.74 0.67 20.64
C GLN B 122 -0.27 1.92 19.90
N ILE B 123 0.80 2.51 20.41
CA ILE B 123 1.37 3.73 19.87
C ILE B 123 1.95 3.47 18.49
N ALA B 124 2.69 2.36 18.37
CA ALA B 124 3.18 1.89 17.09
C ALA B 124 2.08 1.89 16.02
N LEU B 125 0.93 1.32 16.37
CA LEU B 125 -0.17 1.15 15.41
C LEU B 125 -0.85 2.44 15.09
N LEU B 126 -1.09 3.26 16.12
CA LEU B 126 -1.79 4.52 15.96
C LEU B 126 -0.98 5.59 15.22
N LYS B 127 0.34 5.54 15.35
CA LYS B 127 1.24 6.56 14.80
C LYS B 127 1.23 6.57 13.26
N THR B 128 1.17 5.39 12.69
CA THR B 128 1.22 5.22 11.26
C THR B 128 -0.17 5.04 10.61
N SER B 129 -1.16 4.57 11.35
CA SER B 129 -2.50 4.41 10.77
C SER B 129 -3.33 5.68 10.87
N ALA B 130 -2.97 6.58 11.80
CA ALA B 130 -3.77 7.78 12.02
C ALA B 130 -4.11 8.47 10.71
N ILE B 131 -3.11 8.70 9.88
CA ILE B 131 -3.32 9.43 8.66
C ILE B 131 -4.24 8.67 7.71
N GLU B 132 -4.10 7.35 7.65
CA GLU B 132 -4.94 6.50 6.80
C GLU B 132 -6.40 6.55 7.27
N VAL B 133 -6.60 6.58 8.58
CA VAL B 133 -7.92 6.68 9.16
C VAL B 133 -8.54 8.04 8.86
N MET B 134 -7.76 9.11 9.02
CA MET B 134 -8.13 10.46 8.56
C MET B 134 -8.54 10.56 7.09
N LEU B 135 -7.79 9.94 6.19
CA LEU B 135 -8.16 9.89 4.76
C LEU B 135 -9.47 9.14 4.51
N LEU B 136 -9.67 8.04 5.24
CA LEU B 136 -10.93 7.30 5.16
C LEU B 136 -12.11 8.19 5.60
N GLU B 137 -11.94 8.91 6.72
CA GLU B 137 -12.95 9.89 7.21
C GLU B 137 -13.16 11.06 6.24
N THR B 138 -12.10 11.48 5.57
CA THR B 138 -12.21 12.52 4.56
C THR B 138 -13.09 12.03 3.40
N SER B 139 -12.79 10.83 2.89
CA SER B 139 -13.54 10.25 1.76
C SER B 139 -15.00 9.97 2.10
N ARG B 140 -15.28 9.78 3.38
CA ARG B 140 -16.66 9.61 3.87
C ARG B 140 -17.49 10.89 3.68
N ARG B 141 -16.82 12.03 3.73
CA ARG B 141 -17.49 13.32 3.70
C ARG B 141 -17.35 14.00 2.34
N TYR B 142 -17.08 13.20 1.31
CA TYR B 142 -16.90 13.71 -0.05
C TYR B 142 -18.27 14.01 -0.69
N ASN B 143 -18.36 15.19 -1.32
CA ASN B 143 -19.57 15.60 -2.03
C ASN B 143 -19.26 15.54 -3.52
N PRO B 144 -19.77 14.52 -4.22
CA PRO B 144 -19.39 14.28 -5.62
C PRO B 144 -19.71 15.44 -6.55
N GLY B 145 -20.85 16.10 -6.32
CA GLY B 145 -21.33 17.14 -7.20
C GLY B 145 -20.48 18.40 -7.21
N SER B 146 -19.92 18.74 -6.06
CA SER B 146 -19.07 19.92 -5.93
C SER B 146 -17.58 19.56 -5.85
N GLU B 147 -17.30 18.26 -5.71
CA GLU B 147 -15.95 17.75 -5.40
C GLU B 147 -15.36 18.44 -4.19
N SER B 148 -16.12 18.44 -3.11
CA SER B 148 -15.70 19.07 -1.87
C SER B 148 -15.85 18.10 -0.71
N ILE B 149 -15.17 18.39 0.40
CA ILE B 149 -15.25 17.62 1.62
C ILE B 149 -15.96 18.43 2.68
N THR B 150 -17.03 17.89 3.24
CA THR B 150 -17.78 18.57 4.29
C THR B 150 -17.20 18.21 5.65
N PHE B 151 -16.38 19.09 6.19
CA PHE B 151 -15.85 18.85 7.52
C PHE B 151 -16.87 19.30 8.57
N LEU B 152 -16.99 20.60 8.83
CA LEU B 152 -18.02 21.09 9.73
C LEU B 152 -19.31 21.28 8.93
N LYS B 153 -20.45 21.07 9.59
CA LYS B 153 -21.69 20.69 8.90
C LYS B 153 -22.27 21.66 7.88
N ASP B 154 -22.12 22.97 8.11
CA ASP B 154 -22.55 23.97 7.11
C ASP B 154 -21.40 24.41 6.19
N PHE B 155 -20.37 23.58 6.06
CA PHE B 155 -19.13 24.02 5.41
C PHE B 155 -18.45 22.90 4.62
N SER B 156 -18.23 23.16 3.34
CA SER B 156 -17.60 22.23 2.43
C SER B 156 -16.23 22.82 2.03
N TYR B 157 -15.24 21.96 1.81
CA TYR B 157 -13.89 22.39 1.44
C TYR B 157 -13.48 21.70 0.14
N ASN B 158 -12.98 22.48 -0.82
CA ASN B 158 -12.56 21.97 -2.13
C ASN B 158 -11.05 22.09 -2.30
N ARG B 159 -10.52 21.69 -3.45
CA ARG B 159 -9.07 21.66 -3.66
C ARG B 159 -8.40 23.02 -3.40
N GLU B 160 -9.11 24.09 -3.74
CA GLU B 160 -8.61 25.46 -3.56
C GLU B 160 -8.47 25.82 -2.09
N ASP B 161 -9.47 25.43 -1.29
CA ASP B 161 -9.48 25.68 0.15
C ASP B 161 -8.36 24.93 0.84
N PHE B 162 -8.14 23.70 0.42
CA PHE B 162 -7.03 22.88 0.91
C PHE B 162 -5.68 23.58 0.72
N ALA B 163 -5.44 24.05 -0.51
CA ALA B 163 -4.23 24.80 -0.83
C ALA B 163 -4.08 26.08 0.03
N LYS B 164 -5.19 26.76 0.29
CA LYS B 164 -5.20 27.95 1.16
C LYS B 164 -4.92 27.61 2.63
N ALA B 165 -5.29 26.40 3.04
CA ALA B 165 -5.00 25.89 4.39
C ALA B 165 -3.54 25.44 4.54
N GLY B 166 -2.79 25.39 3.44
CA GLY B 166 -1.34 25.22 3.50
C GLY B 166 -0.80 23.89 2.99
N LEU B 167 -1.67 23.09 2.36
CA LEU B 167 -1.25 21.80 1.81
C LEU B 167 -0.85 22.00 0.35
N GLN B 168 0.02 21.14 -0.17
CA GLN B 168 0.51 21.26 -1.55
C GLN B 168 -0.32 20.43 -2.52
N VAL B 169 -0.28 20.77 -3.81
CA VAL B 169 -1.14 20.14 -4.83
C VAL B 169 -0.84 18.66 -5.01
N GLU B 170 0.41 18.27 -4.76
CA GLU B 170 0.86 16.88 -4.89
C GLU B 170 0.22 15.94 -3.86
N PHE B 171 -0.35 16.52 -2.81
CA PHE B 171 -1.10 15.76 -1.80
C PHE B 171 -2.60 15.91 -1.99
N ILE B 172 -3.03 17.15 -2.25
CA ILE B 172 -4.45 17.50 -2.42
C ILE B 172 -5.13 16.74 -3.56
N ASN B 173 -4.53 16.76 -4.74
CA ASN B 173 -5.12 16.03 -5.87
C ASN B 173 -5.27 14.52 -5.57
N PRO B 174 -4.20 13.85 -5.08
CA PRO B 174 -4.44 12.47 -4.58
C PRO B 174 -5.50 12.25 -3.48
N ILE B 175 -5.64 13.16 -2.52
CA ILE B 175 -6.73 13.08 -1.55
C ILE B 175 -8.10 13.13 -2.26
N PHE B 176 -8.25 14.06 -3.19
CA PHE B 176 -9.51 14.20 -3.91
C PHE B 176 -9.81 13.04 -4.91
N GLU B 177 -8.78 12.51 -5.54
CA GLU B 177 -8.93 11.37 -6.45
C GLU B 177 -9.35 10.10 -5.68
N PHE B 178 -8.71 9.89 -4.53
CA PHE B 178 -9.05 8.79 -3.64
C PHE B 178 -10.47 8.95 -3.12
N SER B 179 -10.83 10.16 -2.71
CA SER B 179 -12.17 10.44 -2.22
C SER B 179 -13.23 10.15 -3.28
N ARG B 180 -12.97 10.60 -4.51
CA ARG B 180 -13.78 10.22 -5.67
C ARG B 180 -13.96 8.70 -5.83
N ALA B 181 -12.84 7.96 -5.90
CA ALA B 181 -12.89 6.50 -6.09
C ALA B 181 -13.63 5.83 -4.93
N MET B 182 -13.43 6.36 -3.73
CA MET B 182 -14.03 5.83 -2.53
C MET B 182 -15.53 6.03 -2.51
N ASN B 183 -15.99 7.18 -3.00
CA ASN B 183 -17.42 7.50 -3.06
C ASN B 183 -18.22 6.59 -4.00
N GLU B 184 -17.60 6.21 -5.10
CA GLU B 184 -18.20 5.24 -6.03
C GLU B 184 -18.50 3.91 -5.35
N LEU B 185 -17.73 3.51 -4.34
CA LEU B 185 -17.99 2.27 -3.61
C LEU B 185 -19.22 2.34 -2.70
N GLN B 186 -19.58 3.55 -2.26
CA GLN B 186 -20.75 3.76 -1.40
C GLN B 186 -20.70 2.85 -0.18
N LEU B 187 -19.69 3.05 0.66
CA LEU B 187 -19.55 2.28 1.88
C LEU B 187 -20.53 2.86 2.89
N ASN B 188 -20.98 2.04 3.81
CA ASN B 188 -21.82 2.52 4.91
C ASN B 188 -21.03 2.52 6.23
N ASP B 189 -21.68 2.96 7.31
CA ASP B 189 -21.03 3.05 8.60
C ASP B 189 -20.29 1.79 9.01
N ALA B 190 -20.90 0.64 8.79
CA ALA B 190 -20.36 -0.63 9.23
C ALA B 190 -19.07 -0.97 8.47
N GLU B 191 -19.09 -0.73 7.16
CA GLU B 191 -17.93 -0.95 6.29
C GLU B 191 -16.77 0.02 6.60
N PHE B 192 -17.09 1.29 6.78
CA PHE B 192 -16.10 2.27 7.16
C PHE B 192 -15.43 1.94 8.50
N ALA B 193 -16.24 1.57 9.52
CA ALA B 193 -15.70 1.15 10.82
C ALA B 193 -14.79 -0.08 10.76
N LEU B 194 -15.13 -1.08 9.94
CA LEU B 194 -14.30 -2.28 9.80
C LEU B 194 -13.01 -1.99 9.06
N LEU B 195 -13.10 -1.24 7.96
CA LEU B 195 -11.90 -0.80 7.23
C LEU B 195 -10.95 -0.01 8.15
N ILE B 196 -11.52 0.77 9.06
CA ILE B 196 -10.72 1.55 9.99
C ILE B 196 -10.03 0.61 10.98
N ALA B 197 -10.77 -0.34 11.56
CA ALA B 197 -10.14 -1.38 12.39
C ALA B 197 -9.02 -2.15 11.67
N ILE B 198 -9.29 -2.60 10.46
CA ILE B 198 -8.33 -3.37 9.69
C ILE B 198 -7.06 -2.51 9.45
N SER B 199 -7.25 -1.23 9.18
CA SER B 199 -6.14 -0.33 8.96
C SER B 199 -5.27 -0.18 10.21
N ILE B 200 -5.92 -0.17 11.38
CA ILE B 200 -5.23 0.00 12.64
C ILE B 200 -4.47 -1.27 13.02
N PHE B 201 -5.07 -2.42 12.74
CA PHE B 201 -4.43 -3.71 13.07
C PHE B 201 -3.59 -4.21 11.94
N SER B 202 -2.66 -3.36 11.52
CA SER B 202 -1.73 -3.70 10.47
C SER B 202 -0.41 -4.17 11.07
N ALA B 203 -0.19 -5.48 11.04
CA ALA B 203 1.01 -6.10 11.62
C ALA B 203 2.34 -5.62 11.01
N ASP B 204 2.29 -5.07 9.80
CA ASP B 204 3.49 -4.65 9.08
C ASP B 204 3.93 -3.21 9.34
N ARG B 205 3.26 -2.46 10.22
CA ARG B 205 3.76 -1.11 10.58
C ARG B 205 5.16 -1.19 11.19
N PRO B 206 5.97 -0.13 11.01
CA PRO B 206 7.26 -0.04 11.72
C PRO B 206 7.11 -0.22 13.23
N ASN B 207 7.98 -1.05 13.81
CA ASN B 207 8.20 -1.14 15.25
C ASN B 207 7.13 -1.90 16.04
N VAL B 208 6.33 -2.71 15.34
CA VAL B 208 5.39 -3.61 15.98
C VAL B 208 6.10 -4.86 16.50
N GLN B 209 5.92 -5.12 17.80
CA GLN B 209 6.49 -6.27 18.46
C GLN B 209 5.58 -7.48 18.23
N ASP B 210 4.34 -7.41 18.73
CA ASP B 210 3.49 -8.58 18.67
C ASP B 210 2.74 -8.61 17.35
N GLN B 211 3.51 -8.89 16.29
CA GLN B 211 2.98 -9.00 14.95
C GLN B 211 1.93 -10.09 14.80
N LEU B 212 2.23 -11.27 15.36
CA LEU B 212 1.29 -12.39 15.35
C LEU B 212 -0.07 -11.98 15.89
N GLN B 213 -0.08 -11.34 17.04
CA GLN B 213 -1.33 -10.98 17.70
C GLN B 213 -2.08 -9.90 16.91
N VAL B 214 -1.36 -8.88 16.48
CA VAL B 214 -1.95 -7.83 15.64
C VAL B 214 -2.58 -8.40 14.38
N GLU B 215 -1.88 -9.32 13.74
CA GLU B 215 -2.41 -9.97 12.55
C GLU B 215 -3.65 -10.80 12.87
N ARG B 216 -3.57 -11.53 13.97
CA ARG B 216 -4.67 -12.39 14.38
C ARG B 216 -5.92 -11.55 14.59
N LEU B 217 -5.75 -10.39 15.24
CA LEU B 217 -6.85 -9.46 15.48
C LEU B 217 -7.38 -8.88 14.17
N GLN B 218 -6.48 -8.48 13.27
CA GLN B 218 -6.91 -7.91 11.99
C GLN B 218 -7.82 -8.84 11.23
N HIS B 219 -7.46 -10.12 11.26
CA HIS B 219 -8.18 -11.14 10.53
C HIS B 219 -9.60 -11.35 11.01
N THR B 220 -9.86 -11.17 12.31
CA THR B 220 -11.23 -11.23 12.81
C THR B 220 -12.07 -10.12 12.17
N TYR B 221 -11.46 -8.95 11.96
CA TYR B 221 -12.16 -7.86 11.28
C TYR B 221 -12.31 -8.10 9.78
N VAL B 222 -11.29 -8.67 9.14
CA VAL B 222 -11.40 -9.10 7.74
C VAL B 222 -12.55 -10.12 7.52
N GLU B 223 -12.59 -11.17 8.33
CA GLU B 223 -13.64 -12.18 8.27
C GLU B 223 -15.02 -11.59 8.51
N ALA B 224 -15.13 -10.74 9.52
CA ALA B 224 -16.38 -10.05 9.82
C ALA B 224 -16.84 -9.18 8.66
N LEU B 225 -15.90 -8.46 8.03
CA LEU B 225 -16.19 -7.63 6.86
C LEU B 225 -16.69 -8.46 5.70
N HIS B 226 -16.07 -9.63 5.51
CA HIS B 226 -16.45 -10.52 4.43
C HIS B 226 -17.89 -11.02 4.60
N ALA B 227 -18.18 -11.54 5.79
CA ALA B 227 -19.50 -12.01 6.15
C ALA B 227 -20.53 -10.90 6.09
N TYR B 228 -20.14 -9.69 6.50
CA TYR B 228 -21.03 -8.54 6.46
C TYR B 228 -21.36 -8.12 5.02
N VAL B 229 -20.32 -8.01 4.19
CA VAL B 229 -20.48 -7.62 2.77
C VAL B 229 -21.27 -8.65 1.94
N SER B 230 -21.28 -9.90 2.39
CA SER B 230 -22.10 -10.93 1.74
C SER B 230 -23.62 -10.74 2.02
N ILE B 231 -23.99 -10.02 3.07
CA ILE B 231 -25.38 -9.68 3.36
C ILE B 231 -25.77 -8.36 2.68
N HIS B 232 -24.84 -7.41 2.68
CA HIS B 232 -25.09 -6.09 2.12
C HIS B 232 -25.02 -6.12 0.60
N HIS B 233 -24.15 -6.96 0.05
CA HIS B 233 -24.02 -7.07 -1.39
C HIS B 233 -24.04 -8.52 -1.82
N PRO B 234 -25.21 -9.17 -1.68
CA PRO B 234 -25.31 -10.62 -1.84
C PRO B 234 -25.13 -11.09 -3.29
N HIS B 235 -25.21 -10.18 -4.25
CA HIS B 235 -25.06 -10.53 -5.66
C HIS B 235 -23.80 -9.92 -6.32
N ASP B 236 -22.81 -9.54 -5.49
CA ASP B 236 -21.55 -8.97 -5.99
C ASP B 236 -20.35 -9.31 -5.10
N ARG B 237 -19.75 -10.45 -5.37
CA ARG B 237 -18.55 -10.93 -4.65
C ARG B 237 -17.25 -10.13 -4.91
N LEU B 238 -17.32 -9.06 -5.71
CA LEU B 238 -16.17 -8.17 -5.89
C LEU B 238 -16.11 -7.09 -4.81
N MET B 239 -17.26 -6.76 -4.21
CA MET B 239 -17.33 -5.65 -3.26
C MET B 239 -16.39 -5.83 -2.08
N PHE B 240 -16.35 -7.04 -1.52
CA PHE B 240 -15.40 -7.35 -0.45
C PHE B 240 -13.94 -7.08 -0.85
N PRO B 241 -13.43 -7.73 -1.90
CA PRO B 241 -12.06 -7.39 -2.31
C PRO B 241 -11.83 -5.94 -2.75
N ARG B 242 -12.82 -5.30 -3.37
CA ARG B 242 -12.65 -3.90 -3.76
C ARG B 242 -12.38 -2.99 -2.56
N MET B 243 -13.06 -3.28 -1.45
CA MET B 243 -12.87 -2.57 -0.21
C MET B 243 -11.47 -2.76 0.37
N LEU B 244 -10.99 -4.01 0.39
CA LEU B 244 -9.61 -4.27 0.82
C LEU B 244 -8.57 -3.62 -0.09
N MET B 245 -8.85 -3.44 -1.38
CA MET B 245 -7.86 -2.84 -2.28
C MET B 245 -7.71 -1.33 -2.01
N LYS B 246 -8.69 -0.73 -1.33
CA LYS B 246 -8.57 0.66 -0.95
C LYS B 246 -7.50 0.84 0.14
N LEU B 247 -7.28 -0.21 0.93
CA LEU B 247 -6.14 -0.24 1.87
C LEU B 247 -4.78 -0.13 1.15
N VAL B 248 -4.71 -0.62 -0.09
CA VAL B 248 -3.53 -0.54 -0.93
C VAL B 248 -3.27 0.91 -1.30
N SER B 249 -4.32 1.59 -1.77
CA SER B 249 -4.25 3.02 -2.18
C SER B 249 -3.87 3.92 -1.04
N LEU B 250 -4.43 3.63 0.14
CA LEU B 250 -4.12 4.38 1.35
C LEU B 250 -2.65 4.33 1.72
N ARG B 251 -1.95 3.24 1.39
CA ARG B 251 -0.52 3.16 1.73
C ARG B 251 0.26 4.14 0.92
N THR B 252 -0.08 4.24 -0.36
CA THR B 252 0.54 5.21 -1.23
C THR B 252 0.23 6.62 -0.80
N LEU B 253 -1.03 6.90 -0.50
CA LEU B 253 -1.41 8.21 0.04
C LEU B 253 -0.68 8.57 1.33
N SER B 254 -0.47 7.57 2.17
CA SER B 254 0.36 7.74 3.38
C SER B 254 1.77 8.20 3.06
N SER B 255 2.37 7.61 2.03
CA SER B 255 3.67 8.02 1.58
C SER B 255 3.65 9.44 0.96
N VAL B 256 2.64 9.76 0.16
CA VAL B 256 2.50 11.12 -0.40
C VAL B 256 2.32 12.15 0.72
N HIS B 257 1.67 11.72 1.80
CA HIS B 257 1.57 12.51 3.02
C HIS B 257 2.93 12.79 3.71
N SER B 258 3.82 11.80 3.72
CA SER B 258 5.15 11.98 4.29
C SER B 258 5.94 13.06 3.54
N GLU B 259 5.73 13.16 2.24
CA GLU B 259 6.36 14.21 1.42
C GLU B 259 5.75 15.59 1.74
N GLN B 260 4.45 15.60 2.01
CA GLN B 260 3.78 16.81 2.50
C GLN B 260 4.35 17.32 3.85
N VAL B 261 4.61 16.40 4.78
CA VAL B 261 5.18 16.73 6.09
C VAL B 261 6.60 17.27 5.92
N PHE B 262 7.30 16.70 4.94
CA PHE B 262 8.64 17.12 4.61
C PHE B 262 8.62 18.53 3.99
N ALA B 263 7.72 18.80 3.05
CA ALA B 263 7.60 20.15 2.47
C ALA B 263 7.38 21.23 3.55
N LEU B 264 6.67 20.87 4.61
CA LEU B 264 6.42 21.81 5.71
C LEU B 264 7.71 22.16 6.47
N ARG B 265 8.65 21.22 6.54
CA ARG B 265 9.98 21.49 7.11
C ARG B 265 10.68 22.60 6.32
N LEU B 266 10.81 22.39 5.01
CA LEU B 266 11.36 23.39 4.10
C LEU B 266 10.72 24.77 4.24
N GLN B 267 9.39 24.81 4.28
CA GLN B 267 8.65 26.07 4.44
C GLN B 267 8.69 26.62 5.87
N ASP B 268 9.29 25.87 6.81
CA ASP B 268 9.29 26.20 8.24
C ASP B 268 7.88 26.39 8.85
N LYS B 269 6.85 25.81 8.22
CA LYS B 269 5.52 25.76 8.79
C LYS B 269 5.51 24.59 9.75
N LYS B 270 5.56 24.87 11.05
CA LYS B 270 5.60 23.84 12.07
C LYS B 270 4.22 23.30 12.35
N LEU B 271 4.16 22.00 12.59
CA LEU B 271 2.94 21.34 12.98
C LEU B 271 2.76 21.60 14.46
N PRO B 272 1.50 21.64 14.92
CA PRO B 272 1.29 21.70 16.36
C PRO B 272 1.85 20.43 17.00
N PRO B 273 1.99 20.42 18.33
CA PRO B 273 2.72 19.33 19.02
C PRO B 273 2.23 17.89 18.80
N LEU B 274 0.91 17.64 18.83
CA LEU B 274 0.40 16.28 18.63
C LEU B 274 0.69 15.75 17.22
N LEU B 275 0.43 16.58 16.21
CA LEU B 275 0.69 16.20 14.83
C LEU B 275 2.19 16.07 14.56
N SER B 276 3.00 16.93 15.18
CA SER B 276 4.45 16.86 15.02
C SER B 276 4.98 15.58 15.65
N GLU B 277 4.47 15.25 16.83
CA GLU B 277 4.91 14.05 17.51
C GLU B 277 4.64 12.76 16.69
N ILE B 278 3.46 12.67 16.08
CA ILE B 278 3.11 11.51 15.28
C ILE B 278 3.70 11.50 13.84
N TRP B 279 3.86 12.68 13.25
CA TRP B 279 4.26 12.78 11.84
C TRP B 279 5.68 13.27 11.54
N ASP B 280 6.26 14.13 12.39
CA ASP B 280 7.64 14.61 12.13
C ASP B 280 8.66 13.51 12.35
N VAL B 281 9.75 13.56 11.59
CA VAL B 281 10.89 12.65 11.78
C VAL B 281 11.76 13.21 12.90
N SER C 7 4.73 13.02 -23.40
CA SER C 7 4.23 11.67 -23.10
C SER C 7 5.19 10.85 -22.25
N LEU C 8 4.63 9.87 -21.53
CA LEU C 8 5.45 8.86 -20.85
C LEU C 8 6.24 8.06 -21.86
N THR C 9 5.63 7.79 -23.02
CA THR C 9 6.24 6.96 -24.06
C THR C 9 7.56 7.53 -24.56
N GLU C 10 7.59 8.82 -24.86
CA GLU C 10 8.83 9.46 -25.33
C GLU C 10 9.93 9.44 -24.26
N ARG C 11 9.53 9.39 -22.98
CA ARG C 11 10.47 9.33 -21.87
C ARG C 11 10.84 7.93 -21.42
N HIS C 12 10.26 6.90 -22.06
CA HIS C 12 10.62 5.52 -21.73
C HIS C 12 10.92 4.72 -22.99
N LYS C 13 12.02 5.08 -23.65
CA LYS C 13 12.32 4.53 -24.97
C LYS C 13 12.72 3.04 -24.93
N ILE C 14 13.44 2.61 -23.90
CA ILE C 14 13.83 1.20 -23.83
C ILE C 14 12.60 0.33 -23.53
N LEU C 15 11.84 0.71 -22.51
CA LEU C 15 10.63 0.01 -22.13
C LEU C 15 9.69 -0.09 -23.32
N HIS C 16 9.56 1.04 -24.02
CA HIS C 16 8.71 1.10 -25.20
C HIS C 16 9.15 0.11 -26.28
N ARG C 17 10.44 0.06 -26.54
CA ARG C 17 11.02 -0.90 -27.50
C ARG C 17 10.82 -2.35 -27.09
N LEU C 18 10.96 -2.64 -25.79
CA LEU C 18 10.63 -3.96 -25.26
C LEU C 18 9.15 -4.32 -25.47
N LEU C 19 8.26 -3.34 -25.31
CA LEU C 19 6.85 -3.57 -25.63
C LEU C 19 6.57 -3.81 -27.12
N GLN C 20 7.23 -3.06 -28.00
CA GLN C 20 7.02 -3.18 -29.46
C GLN C 20 7.45 -4.55 -29.97
N GLU C 21 8.61 -5.01 -29.46
CA GLU C 21 9.05 -6.43 -29.37
C GLU C 21 10.57 -6.54 -29.47
N SER D 7 12.49 3.91 23.40
CA SER D 7 11.11 3.41 23.09
C SER D 7 10.31 4.45 22.31
N LEU D 8 9.30 3.99 21.58
CA LEU D 8 8.34 4.90 20.97
C LEU D 8 7.58 5.67 22.03
N THR D 9 7.24 4.99 23.13
CA THR D 9 6.42 5.58 24.18
C THR D 9 7.02 6.89 24.71
N GLU D 10 8.32 6.88 25.00
CA GLU D 10 9.01 8.07 25.54
C GLU D 10 9.01 9.24 24.55
N ARG D 11 8.93 8.93 23.25
CA ARG D 11 8.88 9.95 22.20
C ARG D 11 7.46 10.35 21.76
N HIS D 12 6.43 9.77 22.38
CA HIS D 12 5.04 10.11 22.03
C HIS D 12 4.25 10.38 23.31
N LYS D 13 4.64 11.46 23.99
CA LYS D 13 4.03 11.81 25.27
C LYS D 13 2.55 12.17 25.16
N ILE D 14 2.19 13.03 24.21
CA ILE D 14 0.78 13.42 24.11
C ILE D 14 -0.10 12.20 23.71
N LEU D 15 0.37 11.38 22.77
CA LEU D 15 -0.36 10.19 22.37
C LEU D 15 -0.49 9.21 23.53
N HIS D 16 0.61 9.05 24.26
CA HIS D 16 0.63 8.19 25.43
C HIS D 16 -0.44 8.64 26.46
N ARG D 17 -0.52 9.95 26.71
CA ARG D 17 -1.52 10.52 27.65
C ARG D 17 -2.97 10.36 27.17
N LEU D 18 -3.21 10.54 25.88
CA LEU D 18 -4.52 10.26 25.31
C LEU D 18 -4.94 8.80 25.54
N LEU D 19 -3.99 7.87 25.38
CA LEU D 19 -4.22 6.45 25.63
C LEU D 19 -4.48 6.10 27.11
N GLN D 20 -3.76 6.76 28.02
CA GLN D 20 -3.97 6.60 29.48
C GLN D 20 -5.31 7.17 29.95
N GLU D 21 -5.72 8.29 29.32
CA GLU D 21 -7.02 8.97 29.51
C GLU D 21 -6.83 10.25 30.29
#